data_5AFD
#
_entry.id   5AFD
#
_cell.length_a   66.942
_cell.length_b   86.280
_cell.length_c   117.733
_cell.angle_alpha   90.00
_cell.angle_beta   90.00
_cell.angle_gamma   90.00
#
_symmetry.space_group_name_H-M   'I 2 2 2'
#
loop_
_entity.id
_entity.type
_entity.pdbx_description
1 polymer 'N-ACETYLNEURAMINATE LYASE'
2 non-polymer GLYCEROL
3 non-polymer 1,2-ETHANEDIOL
4 water water
#
_entity_poly.entity_id   1
_entity_poly.type   'polypeptide(L)'
_entity_poly.pdbx_seq_one_letter_code
;MKKLTGLIAAPHTPFDSSSNVNFEEIDKIAKHLINDGVKGIYVCGTTGEGIHCSVEERKAIAERWVSACNHKLDIIVHTG
ALSIVDTLELTRHADTLDILATSAIGPCFFKPGSVSDLVEYCATIAAAAPSKGFYYYHSGMSGVNLNMEEFLIQADKRIP
NLSGLKFNSGDLYEYQRCLRACDGKFDVPFGVDEFLPGALAVGAKSAVGSTYNYAAPHFNSIIEAFNKGDHDAVFNKMTN
VIELIRVLVEFGGVAAGKIAMELHDINAGDPRLPLMPLSAEQKLTVVEKMRAANFLKHHH
;
_entity_poly.pdbx_strand_id   A
#
loop_
_chem_comp.id
_chem_comp.type
_chem_comp.name
_chem_comp.formula
EDO non-polymer 1,2-ETHANEDIOL 'C2 H6 O2'
GOL non-polymer GLYCEROL 'C3 H8 O3'
#
# COMPACT_ATOMS: atom_id res chain seq x y z
N MET A 1 1.18 20.50 -6.72
CA MET A 1 0.74 19.13 -6.36
C MET A 1 0.29 19.17 -4.88
N LYS A 2 -0.70 18.39 -4.52
CA LYS A 2 -1.15 18.29 -3.13
C LYS A 2 -0.64 16.92 -2.63
N LYS A 3 0.17 16.95 -1.57
CA LYS A 3 0.69 15.68 -1.02
C LYS A 3 -0.52 14.87 -0.47
N LEU A 4 -0.46 13.54 -0.56
CA LEU A 4 -1.51 12.76 0.16
C LEU A 4 -1.54 13.07 1.66
N THR A 5 -2.74 12.98 2.26
N THR A 5 -2.71 12.90 2.26
CA THR A 5 -2.94 13.12 3.69
CA THR A 5 -2.90 13.07 3.66
C THR A 5 -3.67 11.87 4.25
C THR A 5 -3.67 11.86 4.25
N GLY A 6 -3.39 11.52 5.50
CA GLY A 6 -4.16 10.52 6.22
C GLY A 6 -3.75 9.11 5.74
N LEU A 7 -4.72 8.23 5.74
CA LEU A 7 -4.45 6.78 5.57
C LEU A 7 -4.83 6.32 4.20
N ILE A 8 -3.88 5.63 3.59
CA ILE A 8 -4.06 5.06 2.30
C ILE A 8 -4.04 3.56 2.51
N ALA A 9 -5.16 2.87 2.36
CA ALA A 9 -5.18 1.44 2.50
C ALA A 9 -4.60 0.77 1.28
N ALA A 10 -3.91 -0.35 1.50
CA ALA A 10 -3.43 -1.24 0.38
C ALA A 10 -4.38 -2.41 0.43
N PRO A 11 -5.44 -2.40 -0.39
CA PRO A 11 -6.44 -3.45 -0.17
C PRO A 11 -6.04 -4.83 -0.64
N HIS A 12 -6.70 -5.83 -0.07
CA HIS A 12 -6.52 -7.20 -0.53
C HIS A 12 -7.18 -7.47 -1.87
N THR A 13 -6.78 -8.53 -2.52
CA THR A 13 -7.61 -8.99 -3.69
C THR A 13 -8.29 -10.22 -3.09
N PRO A 14 -9.65 -10.13 -2.88
CA PRO A 14 -10.39 -11.26 -2.36
C PRO A 14 -10.43 -12.40 -3.40
N PHE A 15 -10.21 -13.62 -2.96
CA PHE A 15 -10.34 -14.83 -3.82
C PHE A 15 -11.47 -15.73 -3.29
N ASP A 16 -12.28 -16.23 -4.24
CA ASP A 16 -13.33 -17.16 -3.78
C ASP A 16 -12.78 -18.58 -3.57
N SER A 17 -13.65 -19.60 -3.36
CA SER A 17 -13.13 -20.91 -2.97
C SER A 17 -12.47 -21.63 -4.15
N SER A 18 -12.63 -21.13 -5.38
N SER A 18 -12.59 -21.15 -5.39
CA SER A 18 -11.85 -21.63 -6.52
CA SER A 18 -11.79 -21.73 -6.46
C SER A 18 -10.61 -20.82 -6.85
C SER A 18 -10.49 -20.98 -6.73
N SER A 19 -10.19 -19.99 -5.90
CA SER A 19 -9.02 -19.09 -6.11
C SER A 19 -9.22 -18.16 -7.32
N ASN A 20 -10.46 -17.83 -7.63
CA ASN A 20 -10.71 -16.78 -8.64
C ASN A 20 -10.96 -15.45 -7.95
N VAL A 21 -10.68 -14.34 -8.65
CA VAL A 21 -11.03 -13.02 -8.12
C VAL A 21 -12.54 -12.87 -7.84
N ASN A 22 -12.84 -12.48 -6.62
CA ASN A 22 -14.22 -12.18 -6.18
C ASN A 22 -14.56 -10.69 -6.33
N PHE A 23 -15.09 -10.29 -7.52
CA PHE A 23 -15.30 -8.90 -7.82
C PHE A 23 -16.36 -8.27 -6.91
N GLU A 24 -17.36 -9.07 -6.49
CA GLU A 24 -18.40 -8.47 -5.64
C GLU A 24 -17.85 -8.11 -4.28
N GLU A 25 -16.91 -8.92 -3.78
CA GLU A 25 -16.29 -8.53 -2.52
C GLU A 25 -15.43 -7.27 -2.65
N ILE A 26 -14.77 -7.07 -3.81
CA ILE A 26 -14.11 -5.78 -4.02
C ILE A 26 -15.09 -4.61 -3.81
N ASP A 27 -16.29 -4.69 -4.42
CA ASP A 27 -17.31 -3.66 -4.13
C ASP A 27 -17.55 -3.39 -2.62
N LYS A 28 -17.65 -4.47 -1.83
CA LYS A 28 -17.93 -4.33 -0.39
C LYS A 28 -16.74 -3.75 0.33
N ILE A 29 -15.52 -4.17 -0.04
CA ILE A 29 -14.35 -3.53 0.63
C ILE A 29 -14.35 -2.03 0.36
N ALA A 30 -14.56 -1.58 -0.90
CA ALA A 30 -14.51 -0.13 -1.19
C ALA A 30 -15.49 0.63 -0.32
N LYS A 31 -16.73 0.14 -0.19
CA LYS A 31 -17.73 0.86 0.67
C LYS A 31 -17.24 0.93 2.11
N HIS A 32 -16.74 -0.20 2.58
CA HIS A 32 -16.15 -0.21 3.89
C HIS A 32 -15.01 0.78 4.09
N LEU A 33 -14.10 0.87 3.11
CA LEU A 33 -12.99 1.78 3.28
C LEU A 33 -13.43 3.23 3.35
N ILE A 34 -14.34 3.57 2.45
CA ILE A 34 -14.86 4.92 2.48
C ILE A 34 -15.55 5.23 3.85
N ASN A 35 -16.35 4.29 4.36
CA ASN A 35 -17.04 4.51 5.64
C ASN A 35 -16.08 4.60 6.84
N ASP A 36 -14.95 3.89 6.78
CA ASP A 36 -14.02 3.85 7.92
C ASP A 36 -12.97 4.93 7.84
N GLY A 37 -13.08 5.91 6.95
CA GLY A 37 -12.25 7.06 7.08
C GLY A 37 -10.89 6.90 6.36
N VAL A 38 -10.79 5.95 5.44
CA VAL A 38 -9.61 5.91 4.57
C VAL A 38 -9.69 6.99 3.47
N LYS A 39 -8.55 7.51 2.96
CA LYS A 39 -8.58 8.63 2.03
C LYS A 39 -8.15 8.20 0.63
N GLY A 40 -7.48 7.05 0.52
CA GLY A 40 -6.97 6.59 -0.75
C GLY A 40 -6.69 5.11 -0.64
N ILE A 41 -6.40 4.53 -1.79
CA ILE A 41 -6.07 3.08 -1.91
C ILE A 41 -4.96 2.89 -2.88
N TYR A 42 -4.15 1.86 -2.53
CA TYR A 42 -2.99 1.50 -3.32
C TYR A 42 -3.25 0.09 -3.74
N VAL A 43 -3.66 -0.07 -4.99
CA VAL A 43 -4.19 -1.37 -5.39
C VAL A 43 -3.21 -2.21 -6.24
N CYS A 44 -3.40 -3.52 -6.12
CA CYS A 44 -2.50 -4.53 -6.75
C CYS A 44 -1.04 -4.45 -6.22
N GLY A 45 -0.89 -3.94 -5.01
CA GLY A 45 0.39 -3.92 -4.34
C GLY A 45 0.66 -5.23 -3.62
N THR A 46 1.62 -5.21 -2.64
CA THR A 46 1.94 -6.42 -1.93
C THR A 46 0.72 -7.01 -1.19
N THR A 47 0.00 -6.17 -0.45
CA THR A 47 -1.16 -6.68 0.34
C THR A 47 -2.26 -7.20 -0.58
N GLY A 48 -2.35 -6.50 -1.70
CA GLY A 48 -3.23 -6.91 -2.80
C GLY A 48 -2.83 -8.16 -3.62
N GLU A 49 -1.66 -8.73 -3.33
CA GLU A 49 -1.14 -9.88 -4.08
C GLU A 49 -1.22 -9.56 -5.56
N GLY A 50 -0.87 -8.33 -5.96
CA GLY A 50 -1.05 -8.01 -7.44
C GLY A 50 -0.17 -8.97 -8.26
N ILE A 51 1.07 -9.26 -7.80
CA ILE A 51 1.99 -10.13 -8.52
C ILE A 51 1.50 -11.56 -8.54
N HIS A 52 0.49 -11.94 -7.74
CA HIS A 52 -0.09 -13.29 -7.85
C HIS A 52 -1.17 -13.39 -8.94
N CYS A 53 -1.52 -12.22 -9.48
CA CYS A 53 -2.62 -12.19 -10.52
C CYS A 53 -2.01 -12.05 -11.88
N SER A 54 -2.79 -12.57 -12.87
CA SER A 54 -2.36 -12.41 -14.27
C SER A 54 -2.60 -10.96 -14.79
N VAL A 55 -2.01 -10.62 -15.92
CA VAL A 55 -2.22 -9.25 -16.48
C VAL A 55 -3.72 -9.05 -16.68
N GLU A 56 -4.39 -10.08 -17.26
CA GLU A 56 -5.82 -9.88 -17.45
C GLU A 56 -6.66 -9.66 -16.19
N GLU A 57 -6.30 -10.39 -15.12
CA GLU A 57 -6.96 -10.23 -13.86
C GLU A 57 -6.67 -8.82 -13.28
N ARG A 58 -5.42 -8.38 -13.41
CA ARG A 58 -5.01 -7.10 -12.82
C ARG A 58 -5.74 -5.93 -13.45
N LYS A 59 -5.92 -6.03 -14.79
CA LYS A 59 -6.67 -4.99 -15.47
C LYS A 59 -8.13 -4.95 -14.98
N ALA A 60 -8.75 -6.11 -14.81
CA ALA A 60 -10.15 -6.15 -14.32
C ALA A 60 -10.28 -5.69 -12.89
N ILE A 61 -9.28 -6.07 -12.07
CA ILE A 61 -9.25 -5.59 -10.69
C ILE A 61 -9.17 -4.05 -10.61
N ALA A 62 -8.22 -3.43 -11.32
CA ALA A 62 -8.09 -1.96 -11.27
C ALA A 62 -9.45 -1.34 -11.76
N GLU A 63 -10.00 -1.88 -12.83
CA GLU A 63 -11.32 -1.26 -13.24
C GLU A 63 -12.42 -1.39 -12.18
N ARG A 64 -12.45 -2.55 -11.53
CA ARG A 64 -13.44 -2.81 -10.43
C ARG A 64 -13.28 -1.83 -9.28
N TRP A 65 -12.01 -1.56 -8.86
CA TRP A 65 -11.83 -0.52 -7.85
C TRP A 65 -12.34 0.84 -8.31
N VAL A 66 -12.03 1.23 -9.55
CA VAL A 66 -12.44 2.56 -9.97
C VAL A 66 -14.03 2.62 -9.96
N SER A 67 -14.70 1.59 -10.50
CA SER A 67 -16.17 1.60 -10.39
C SER A 67 -16.67 1.57 -8.92
N ALA A 68 -16.05 0.78 -8.07
CA ALA A 68 -16.56 0.58 -6.68
C ALA A 68 -16.34 1.79 -5.81
N CYS A 69 -15.29 2.59 -6.08
CA CYS A 69 -15.00 3.72 -5.19
C CYS A 69 -15.87 4.97 -5.53
N ASN A 70 -16.47 4.96 -6.72
CA ASN A 70 -17.36 6.04 -7.16
C ASN A 70 -16.76 7.45 -6.95
N HIS A 71 -15.47 7.63 -7.28
CA HIS A 71 -14.73 8.91 -7.07
C HIS A 71 -14.54 9.39 -5.65
N LYS A 72 -14.71 8.55 -4.63
CA LYS A 72 -14.65 9.09 -3.29
C LYS A 72 -13.28 8.86 -2.67
N LEU A 73 -12.39 8.10 -3.38
CA LEU A 73 -11.05 7.80 -2.80
C LEU A 73 -10.00 8.11 -3.85
N ASP A 74 -8.78 8.54 -3.48
CA ASP A 74 -7.67 8.66 -4.49
C ASP A 74 -7.16 7.26 -4.79
N ILE A 75 -6.86 6.94 -6.06
CA ILE A 75 -6.54 5.56 -6.40
C ILE A 75 -5.15 5.56 -7.04
N ILE A 76 -4.28 4.70 -6.49
N ILE A 76 -4.26 4.72 -6.50
CA ILE A 76 -2.95 4.53 -7.05
CA ILE A 76 -2.91 4.61 -7.07
C ILE A 76 -2.89 3.08 -7.46
C ILE A 76 -2.80 3.13 -7.44
N VAL A 77 -2.47 2.80 -8.70
CA VAL A 77 -2.38 1.45 -9.14
C VAL A 77 -0.95 1.03 -9.32
N HIS A 78 -0.62 -0.05 -8.57
CA HIS A 78 0.71 -0.68 -8.77
C HIS A 78 0.67 -1.55 -10.00
N THR A 79 1.53 -1.24 -10.96
CA THR A 79 1.55 -1.95 -12.28
C THR A 79 2.82 -2.80 -12.42
N GLY A 80 3.68 -2.87 -11.39
CA GLY A 80 4.97 -3.59 -11.53
C GLY A 80 4.76 -5.12 -11.65
N ALA A 81 5.68 -5.74 -12.38
CA ALA A 81 5.70 -7.20 -12.69
C ALA A 81 7.19 -7.47 -13.01
N LEU A 82 7.59 -8.75 -12.97
CA LEU A 82 8.97 -9.01 -13.35
C LEU A 82 9.23 -8.73 -14.86
N SER A 83 8.22 -8.92 -15.73
CA SER A 83 8.40 -8.71 -17.20
C SER A 83 7.98 -7.24 -17.51
N ILE A 84 8.87 -6.50 -18.13
CA ILE A 84 8.64 -5.11 -18.52
C ILE A 84 7.46 -5.10 -19.54
N VAL A 85 7.31 -6.18 -20.26
CA VAL A 85 6.20 -6.27 -21.25
C VAL A 85 4.83 -6.27 -20.51
N ASP A 86 4.70 -7.14 -19.53
CA ASP A 86 3.49 -7.13 -18.63
C ASP A 86 3.36 -5.75 -17.99
N THR A 87 4.44 -5.23 -17.40
CA THR A 87 4.37 -3.91 -16.71
C THR A 87 3.88 -2.79 -17.63
N LEU A 88 4.38 -2.80 -18.87
CA LEU A 88 4.02 -1.72 -19.76
C LEU A 88 2.54 -1.93 -20.25
N GLU A 89 2.11 -3.17 -20.43
N GLU A 89 2.10 -3.17 -20.44
CA GLU A 89 0.71 -3.45 -20.77
CA GLU A 89 0.67 -3.40 -20.77
C GLU A 89 -0.26 -3.00 -19.67
C GLU A 89 -0.25 -2.91 -19.65
N LEU A 90 0.12 -3.19 -18.39
CA LEU A 90 -0.68 -2.75 -17.27
C LEU A 90 -0.66 -1.23 -17.13
N THR A 91 0.52 -0.61 -17.35
CA THR A 91 0.71 0.81 -17.14
C THR A 91 -0.09 1.59 -18.22
N ARG A 92 0.00 1.13 -19.45
N ARG A 92 0.02 1.13 -19.46
CA ARG A 92 -0.80 1.76 -20.54
CA ARG A 92 -0.78 1.75 -20.56
C ARG A 92 -2.29 1.65 -20.27
C ARG A 92 -2.27 1.64 -20.29
N HIS A 93 -2.72 0.47 -19.83
CA HIS A 93 -4.16 0.31 -19.43
C HIS A 93 -4.49 1.30 -18.31
N ALA A 94 -3.59 1.42 -17.31
CA ALA A 94 -3.87 2.32 -16.16
C ALA A 94 -4.00 3.80 -16.55
N ASP A 95 -3.24 4.22 -17.58
CA ASP A 95 -3.29 5.62 -18.08
C ASP A 95 -4.76 5.92 -18.62
N THR A 96 -5.54 4.89 -18.89
CA THR A 96 -6.86 5.14 -19.49
C THR A 96 -7.93 5.26 -18.40
N LEU A 97 -7.56 4.95 -17.14
CA LEU A 97 -8.55 4.88 -16.04
C LEU A 97 -8.60 6.19 -15.26
N ASP A 98 -9.68 6.42 -14.54
CA ASP A 98 -9.74 7.62 -13.74
C ASP A 98 -9.10 7.30 -12.38
N ILE A 99 -7.77 7.49 -12.32
CA ILE A 99 -6.96 7.19 -11.12
C ILE A 99 -5.97 8.35 -10.93
N LEU A 100 -5.30 8.36 -9.78
CA LEU A 100 -4.38 9.49 -9.46
C LEU A 100 -2.98 9.21 -10.08
N ALA A 101 -2.48 7.96 -9.94
CA ALA A 101 -1.07 7.70 -10.21
C ALA A 101 -0.92 6.18 -10.46
N THR A 102 0.18 5.82 -11.12
CA THR A 102 0.67 4.44 -11.19
C THR A 102 1.89 4.31 -10.26
N SER A 103 2.38 3.08 -10.14
CA SER A 103 3.51 2.83 -9.22
C SER A 103 4.18 1.53 -9.56
N ALA A 104 5.51 1.45 -9.24
CA ALA A 104 6.10 0.12 -9.44
C ALA A 104 7.01 -0.14 -8.24
N ILE A 105 6.97 -1.39 -7.77
N ILE A 105 7.01 -1.38 -7.79
CA ILE A 105 7.89 -1.89 -6.70
CA ILE A 105 7.94 -1.77 -6.72
C ILE A 105 9.23 -2.32 -7.36
C ILE A 105 9.27 -2.18 -7.41
N GLY A 106 10.36 -2.18 -6.63
CA GLY A 106 11.71 -2.68 -7.17
C GLY A 106 11.63 -4.13 -7.60
N PRO A 107 12.13 -4.47 -8.85
CA PRO A 107 12.11 -5.86 -9.24
C PRO A 107 13.04 -6.75 -8.33
N CYS A 108 12.53 -7.92 -7.96
CA CYS A 108 13.16 -8.65 -6.91
C CYS A 108 14.09 -9.75 -7.40
N PHE A 109 14.22 -9.95 -8.71
CA PHE A 109 15.04 -11.10 -9.15
C PHE A 109 16.38 -10.52 -9.66
N PHE A 110 16.39 -9.94 -10.85
CA PHE A 110 17.53 -9.08 -11.25
C PHE A 110 17.22 -7.70 -10.62
N LYS A 111 17.93 -7.36 -9.55
CA LYS A 111 17.69 -6.09 -8.77
C LYS A 111 18.53 -4.99 -9.38
N PRO A 112 17.94 -3.79 -9.69
CA PRO A 112 18.68 -2.60 -10.19
C PRO A 112 19.91 -2.43 -9.24
N GLY A 113 21.10 -2.31 -9.83
CA GLY A 113 22.38 -2.32 -9.07
C GLY A 113 22.88 -0.91 -8.75
N SER A 114 22.24 0.11 -9.33
CA SER A 114 22.59 1.50 -9.02
C SER A 114 21.29 2.37 -9.06
N VAL A 115 21.39 3.57 -8.47
CA VAL A 115 20.28 4.54 -8.51
C VAL A 115 19.97 4.85 -10.00
N SER A 116 21.04 5.10 -10.79
N SER A 116 21.01 5.14 -10.82
CA SER A 116 20.83 5.43 -12.20
CA SER A 116 20.73 5.44 -12.25
C SER A 116 20.06 4.37 -12.93
C SER A 116 19.98 4.35 -12.94
N ASP A 117 20.34 3.10 -12.65
CA ASP A 117 19.68 2.01 -13.34
C ASP A 117 18.23 1.99 -12.90
N LEU A 118 17.99 2.18 -11.60
CA LEU A 118 16.59 2.16 -11.13
C LEU A 118 15.77 3.34 -11.73
N VAL A 119 16.42 4.49 -11.88
CA VAL A 119 15.77 5.68 -12.48
C VAL A 119 15.41 5.32 -13.93
N GLU A 120 16.30 4.69 -14.67
N GLU A 120 16.32 4.68 -14.65
CA GLU A 120 15.96 4.32 -16.07
CA GLU A 120 16.00 4.31 -16.06
C GLU A 120 14.77 3.37 -16.15
C GLU A 120 14.81 3.35 -16.17
N TYR A 121 14.74 2.37 -15.27
CA TYR A 121 13.59 1.43 -15.23
C TYR A 121 12.27 2.20 -14.88
N CYS A 122 12.33 3.05 -13.82
CA CYS A 122 11.09 3.80 -13.45
C CYS A 122 10.65 4.80 -14.57
N ALA A 123 11.63 5.37 -15.26
CA ALA A 123 11.34 6.41 -16.30
C ALA A 123 10.62 5.66 -17.41
N THR A 124 11.00 4.42 -17.73
CA THR A 124 10.35 3.73 -18.85
C THR A 124 8.88 3.43 -18.51
N ILE A 125 8.64 2.94 -17.30
CA ILE A 125 7.32 2.73 -16.76
C ILE A 125 6.46 4.00 -16.72
N ALA A 126 6.96 5.10 -16.13
CA ALA A 126 6.14 6.30 -15.87
C ALA A 126 5.74 6.90 -17.24
N ALA A 127 6.62 6.72 -18.23
CA ALA A 127 6.29 7.25 -19.61
C ALA A 127 5.19 6.54 -20.31
N ALA A 128 4.82 5.35 -19.86
CA ALA A 128 3.67 4.65 -20.43
C ALA A 128 2.33 5.11 -19.82
N ALA A 129 2.35 5.90 -18.72
CA ALA A 129 1.12 6.50 -18.16
C ALA A 129 1.34 7.97 -17.90
N PRO A 130 1.63 8.75 -18.97
CA PRO A 130 2.20 10.09 -18.77
C PRO A 130 1.12 11.08 -18.26
N SER A 131 -0.15 10.70 -18.31
CA SER A 131 -1.24 11.53 -17.78
C SER A 131 -1.45 11.37 -16.26
N LYS A 132 -0.74 10.41 -15.62
CA LYS A 132 -0.97 10.14 -14.20
C LYS A 132 0.37 10.39 -13.47
N GLY A 133 0.25 10.62 -12.19
CA GLY A 133 1.43 10.68 -11.37
C GLY A 133 2.11 9.28 -11.36
N PHE A 134 3.27 9.26 -10.71
CA PHE A 134 4.08 7.97 -10.61
C PHE A 134 4.78 8.00 -9.26
N TYR A 135 4.53 6.92 -8.49
CA TYR A 135 5.25 6.69 -7.26
C TYR A 135 6.15 5.48 -7.42
N TYR A 136 7.44 5.62 -7.02
CA TYR A 136 8.25 4.36 -6.87
C TYR A 136 7.77 3.74 -5.50
N TYR A 137 7.69 2.42 -5.39
CA TYR A 137 7.33 1.87 -4.04
C TYR A 137 8.63 1.20 -3.51
N HIS A 138 9.21 1.75 -2.43
CA HIS A 138 10.42 1.23 -1.85
C HIS A 138 10.04 0.23 -0.75
N SER A 139 10.46 -1.03 -0.95
N SER A 139 10.33 -1.04 -1.00
CA SER A 139 9.84 -2.23 -0.32
CA SER A 139 9.97 -2.10 -0.03
C SER A 139 10.66 -3.01 0.69
C SER A 139 11.15 -2.96 0.35
N GLY A 140 12.00 -2.93 0.66
N GLY A 140 11.27 -3.22 1.67
CA GLY A 140 12.80 -3.85 1.57
CA GLY A 140 12.17 -4.22 2.26
C GLY A 140 12.64 -5.32 1.13
C GLY A 140 12.10 -5.59 1.59
N MET A 141 11.39 -5.81 1.18
N MET A 141 10.92 -6.03 1.16
CA MET A 141 11.04 -7.17 0.68
CA MET A 141 10.85 -7.39 0.55
C MET A 141 11.51 -7.39 -0.76
C MET A 141 11.36 -7.46 -0.91
N SER A 142 11.64 -6.31 -1.54
CA SER A 142 12.14 -6.33 -2.92
C SER A 142 13.64 -6.71 -3.02
N GLY A 143 14.41 -6.44 -1.95
CA GLY A 143 15.89 -6.63 -2.01
C GLY A 143 16.61 -5.52 -2.77
N VAL A 144 15.87 -4.46 -3.13
CA VAL A 144 16.48 -3.36 -3.91
C VAL A 144 16.94 -2.26 -2.95
N ASN A 145 18.20 -2.39 -2.49
CA ASN A 145 18.64 -1.56 -1.37
C ASN A 145 19.52 -0.40 -1.84
N LEU A 146 18.90 0.59 -2.45
CA LEU A 146 19.63 1.74 -3.05
C LEU A 146 19.16 3.01 -2.34
N ASN A 147 19.96 4.08 -2.43
CA ASN A 147 19.77 5.34 -1.68
C ASN A 147 18.56 6.03 -2.24
N MET A 148 17.49 6.07 -1.46
CA MET A 148 16.25 6.65 -2.02
C MET A 148 16.26 8.17 -2.12
N GLU A 149 17.06 8.82 -1.29
CA GLU A 149 17.22 10.27 -1.43
C GLU A 149 17.79 10.59 -2.85
N GLU A 150 18.84 9.85 -3.21
CA GLU A 150 19.46 10.02 -4.52
C GLU A 150 18.54 9.60 -5.64
N PHE A 151 17.80 8.51 -5.43
CA PHE A 151 16.73 8.21 -6.40
C PHE A 151 15.80 9.40 -6.70
N LEU A 152 15.26 10.07 -5.65
CA LEU A 152 14.35 11.24 -5.91
C LEU A 152 15.12 12.34 -6.67
N ILE A 153 16.33 12.67 -6.23
CA ILE A 153 17.16 13.76 -6.82
C ILE A 153 17.49 13.45 -8.30
N GLN A 154 17.92 12.24 -8.56
CA GLN A 154 18.17 11.81 -9.97
C GLN A 154 16.89 11.65 -10.79
N ALA A 155 15.81 11.14 -10.22
CA ALA A 155 14.64 10.88 -11.02
C ALA A 155 13.93 12.19 -11.38
N ASP A 156 14.11 13.20 -10.54
CA ASP A 156 13.49 14.55 -10.72
C ASP A 156 13.87 15.05 -12.15
N LYS A 157 15.09 14.80 -12.56
CA LYS A 157 15.64 15.21 -13.89
C LYS A 157 15.04 14.40 -15.04
N ARG A 158 14.68 13.18 -14.77
CA ARG A 158 14.42 12.21 -15.84
C ARG A 158 12.92 11.84 -15.96
N ILE A 159 12.12 12.02 -14.91
CA ILE A 159 10.73 11.55 -14.92
C ILE A 159 9.74 12.75 -14.74
N PRO A 160 9.08 13.19 -15.83
CA PRO A 160 8.33 14.45 -15.77
C PRO A 160 7.10 14.32 -14.88
N ASN A 161 6.55 13.10 -14.75
CA ASN A 161 5.29 12.86 -13.98
C ASN A 161 5.60 12.24 -12.54
N LEU A 162 6.85 12.35 -12.10
CA LEU A 162 7.21 11.83 -10.80
C LEU A 162 6.42 12.53 -9.67
N SER A 163 5.80 11.72 -8.79
CA SER A 163 5.01 12.19 -7.64
C SER A 163 5.89 12.08 -6.40
N GLY A 164 6.63 10.97 -6.33
CA GLY A 164 7.48 10.83 -5.08
C GLY A 164 7.65 9.30 -4.94
N LEU A 165 7.68 8.83 -3.68
CA LEU A 165 7.83 7.36 -3.45
C LEU A 165 7.15 6.96 -2.15
N LYS A 166 6.70 5.71 -2.11
CA LYS A 166 6.06 5.16 -0.89
C LYS A 166 7.13 4.40 -0.15
N PHE A 167 7.26 4.74 1.13
CA PHE A 167 8.46 4.34 1.90
C PHE A 167 8.16 3.21 2.87
N ASN A 168 8.23 1.98 2.37
CA ASN A 168 7.97 0.84 3.23
C ASN A 168 9.27 0.34 3.87
N SER A 169 9.80 1.12 4.82
CA SER A 169 11.07 0.80 5.39
C SER A 169 11.06 1.49 6.75
N GLY A 170 11.82 0.89 7.72
CA GLY A 170 11.87 1.49 9.01
C GLY A 170 13.05 2.50 9.15
N ASP A 171 13.78 2.76 8.05
CA ASP A 171 14.96 3.61 8.12
C ASP A 171 14.49 5.06 8.12
N LEU A 172 14.28 5.59 9.33
CA LEU A 172 13.78 7.00 9.45
C LEU A 172 14.81 8.02 9.11
N TYR A 173 16.11 7.67 9.20
CA TYR A 173 17.11 8.63 8.76
C TYR A 173 16.96 8.85 7.22
N GLU A 174 16.95 7.77 6.43
CA GLU A 174 16.69 7.89 4.96
C GLU A 174 15.33 8.54 4.73
N TYR A 175 14.31 8.20 5.51
CA TYR A 175 12.95 8.76 5.23
C TYR A 175 13.00 10.33 5.37
N GLN A 176 13.62 10.83 6.43
CA GLN A 176 13.65 12.29 6.62
C GLN A 176 14.48 12.96 5.48
N ARG A 177 15.52 12.29 4.95
CA ARG A 177 16.30 12.86 3.81
C ARG A 177 15.37 12.89 2.60
N CYS A 178 14.55 11.84 2.42
CA CYS A 178 13.57 11.87 1.30
C CYS A 178 12.57 13.01 1.42
N LEU A 179 12.06 13.26 2.62
CA LEU A 179 11.07 14.33 2.92
C LEU A 179 11.68 15.66 2.43
N ARG A 180 12.99 15.80 2.60
CA ARG A 180 13.65 17.12 2.28
C ARG A 180 14.24 17.17 0.86
N ALA A 181 14.22 16.08 0.08
CA ALA A 181 14.94 16.07 -1.20
C ALA A 181 14.33 17.18 -2.11
N CYS A 182 15.20 17.88 -2.86
CA CYS A 182 14.72 18.94 -3.80
C CYS A 182 13.77 19.91 -3.10
N ASP A 183 14.26 20.46 -1.98
N ASP A 183 14.26 20.41 -1.97
CA ASP A 183 13.47 21.42 -1.20
CA ASP A 183 13.52 21.38 -1.16
C ASP A 183 12.09 20.93 -0.82
C ASP A 183 12.13 20.94 -0.72
N GLY A 184 11.95 19.62 -0.53
CA GLY A 184 10.72 19.12 0.00
C GLY A 184 9.67 18.94 -1.06
N LYS A 185 10.08 18.84 -2.33
CA LYS A 185 9.13 18.83 -3.49
C LYS A 185 8.26 17.55 -3.56
N PHE A 186 8.78 16.43 -3.11
CA PHE A 186 8.10 15.16 -3.46
C PHE A 186 7.20 14.65 -2.36
N ASP A 187 6.19 13.86 -2.72
CA ASP A 187 5.30 13.27 -1.77
C ASP A 187 5.81 11.88 -1.32
N VAL A 188 5.98 11.77 -0.01
CA VAL A 188 6.67 10.52 0.47
C VAL A 188 5.79 9.86 1.53
N PRO A 189 4.70 9.20 1.16
CA PRO A 189 3.90 8.50 2.22
C PRO A 189 4.69 7.39 2.98
N PHE A 190 4.52 7.31 4.30
CA PHE A 190 5.21 6.33 5.06
C PHE A 190 4.53 4.97 5.05
N GLY A 191 5.32 3.87 5.07
CA GLY A 191 4.72 2.56 4.85
C GLY A 191 4.89 1.50 5.89
N VAL A 192 5.21 1.86 7.15
CA VAL A 192 5.37 0.83 8.22
C VAL A 192 4.33 1.16 9.34
N ASP A 193 3.17 0.49 9.33
CA ASP A 193 2.06 0.97 10.18
C ASP A 193 2.40 0.97 11.68
N GLU A 194 3.12 -0.04 12.14
CA GLU A 194 3.50 -0.20 13.56
C GLU A 194 4.54 0.80 14.03
N PHE A 195 5.11 1.60 13.10
CA PHE A 195 6.01 2.72 13.43
C PHE A 195 5.30 4.04 13.29
N LEU A 196 3.98 4.03 12.99
CA LEU A 196 3.33 5.31 12.55
C LEU A 196 3.66 6.55 13.40
N PRO A 197 3.49 6.53 14.75
CA PRO A 197 3.75 7.83 15.45
C PRO A 197 5.19 8.30 15.30
N GLY A 198 6.10 7.35 15.14
CA GLY A 198 7.54 7.68 14.93
C GLY A 198 7.74 8.45 13.62
N ALA A 199 7.01 8.02 12.56
CA ALA A 199 7.13 8.73 11.29
C ALA A 199 6.39 10.08 11.38
N LEU A 200 5.24 10.10 12.05
CA LEU A 200 4.57 11.39 12.29
C LEU A 200 5.49 12.39 12.87
N ALA A 201 6.26 11.94 13.87
CA ALA A 201 7.08 12.85 14.65
C ALA A 201 8.23 13.43 13.82
N VAL A 202 8.62 12.74 12.74
CA VAL A 202 9.72 13.29 11.90
C VAL A 202 9.23 13.91 10.61
N GLY A 203 7.94 14.01 10.49
CA GLY A 203 7.29 14.72 9.37
C GLY A 203 6.31 14.04 8.40
N ALA A 204 5.98 12.73 8.59
CA ALA A 204 5.04 12.08 7.70
C ALA A 204 3.68 12.80 7.68
N LYS A 205 3.09 12.89 6.51
CA LYS A 205 1.77 13.49 6.37
C LYS A 205 0.72 12.46 5.97
N SER A 206 1.15 11.25 5.50
CA SER A 206 0.22 10.21 5.09
C SER A 206 0.96 8.92 5.29
N ALA A 207 0.21 7.86 5.31
CA ALA A 207 0.80 6.54 5.50
C ALA A 207 0.00 5.57 4.60
N VAL A 208 0.71 4.60 4.00
CA VAL A 208 0.08 3.56 3.17
C VAL A 208 0.35 2.27 3.92
N GLY A 209 -0.67 1.43 4.02
CA GLY A 209 -0.45 0.20 4.77
C GLY A 209 -1.58 -0.76 4.70
N SER A 210 -1.31 -1.99 5.16
CA SER A 210 -2.37 -3.01 5.10
C SER A 210 -3.31 -2.97 6.31
N THR A 211 -2.82 -2.50 7.51
CA THR A 211 -3.74 -2.63 8.68
C THR A 211 -4.88 -1.65 8.56
N TYR A 212 -4.70 -0.63 7.68
CA TYR A 212 -5.76 0.39 7.50
C TYR A 212 -6.99 -0.21 6.82
N ASN A 213 -6.87 -1.43 6.24
CA ASN A 213 -8.04 -2.07 5.73
C ASN A 213 -9.06 -2.40 6.79
N TYR A 214 -8.62 -2.54 8.04
CA TYR A 214 -9.57 -3.02 9.09
C TYR A 214 -9.39 -2.27 10.40
N ALA A 215 -8.36 -1.42 10.50
CA ALA A 215 -8.15 -0.67 11.76
C ALA A 215 -8.07 0.85 11.52
N ALA A 216 -8.59 1.33 10.39
CA ALA A 216 -8.40 2.77 10.02
C ALA A 216 -8.89 3.77 11.10
N PRO A 217 -10.09 3.57 11.69
CA PRO A 217 -10.54 4.53 12.73
C PRO A 217 -9.57 4.60 13.88
N HIS A 218 -9.05 3.42 14.32
CA HIS A 218 -8.08 3.41 15.42
C HIS A 218 -6.82 4.23 15.04
N PHE A 219 -6.25 3.97 13.87
CA PHE A 219 -5.03 4.78 13.46
C PHE A 219 -5.32 6.24 13.21
N ASN A 220 -6.53 6.52 12.68
CA ASN A 220 -6.92 7.98 12.60
C ASN A 220 -6.98 8.62 13.97
N SER A 221 -7.45 7.88 14.98
CA SER A 221 -7.34 8.41 16.37
C SER A 221 -5.91 8.59 16.91
N ILE A 222 -4.93 7.71 16.48
CA ILE A 222 -3.53 7.98 16.83
C ILE A 222 -3.06 9.30 16.19
N ILE A 223 -3.41 9.51 14.89
CA ILE A 223 -2.97 10.69 14.15
C ILE A 223 -3.50 11.96 14.92
N GLU A 224 -4.76 11.88 15.30
CA GLU A 224 -5.43 13.05 16.00
C GLU A 224 -4.76 13.29 17.36
N ALA A 225 -4.54 12.23 18.15
CA ALA A 225 -3.80 12.36 19.40
C ALA A 225 -2.40 12.94 19.28
N PHE A 226 -1.65 12.45 18.30
CA PHE A 226 -0.29 12.93 18.08
C PHE A 226 -0.34 14.45 17.75
N ASN A 227 -1.31 14.84 16.94
CA ASN A 227 -1.48 16.21 16.45
C ASN A 227 -1.74 17.19 17.62
N LYS A 228 -2.52 16.76 18.59
CA LYS A 228 -2.96 17.47 19.79
C LYS A 228 -1.81 17.39 20.81
N GLY A 229 -0.75 16.68 20.49
CA GLY A 229 0.32 16.46 21.46
C GLY A 229 -0.02 15.57 22.67
N ASP A 230 -1.09 14.75 22.59
CA ASP A 230 -1.50 13.85 23.67
C ASP A 230 -0.65 12.54 23.60
N HIS A 231 0.61 12.62 24.00
CA HIS A 231 1.50 11.45 23.80
C HIS A 231 1.14 10.21 24.69
N ASP A 232 0.59 10.47 25.87
CA ASP A 232 0.02 9.37 26.66
C ASP A 232 -1.00 8.59 25.90
N ALA A 233 -1.92 9.31 25.20
CA ALA A 233 -3.00 8.66 24.47
C ALA A 233 -2.38 7.88 23.25
N VAL A 234 -1.34 8.46 22.63
CA VAL A 234 -0.70 7.76 21.47
C VAL A 234 -0.17 6.42 22.00
N PHE A 235 0.53 6.48 23.15
CA PHE A 235 1.09 5.31 23.74
C PHE A 235 0.08 4.23 24.01
N ASN A 236 -1.08 4.57 24.66
CA ASN A 236 -2.03 3.53 24.98
C ASN A 236 -2.72 2.98 23.74
N LYS A 237 -2.81 3.80 22.72
CA LYS A 237 -3.44 3.30 21.48
C LYS A 237 -2.42 2.38 20.73
N MET A 238 -1.14 2.65 20.90
CA MET A 238 -0.19 1.74 20.24
C MET A 238 -0.09 0.42 20.90
N THR A 239 -0.50 0.33 22.18
CA THR A 239 -0.60 -0.99 22.79
C THR A 239 -1.56 -1.91 22.01
N ASN A 240 -2.69 -1.37 21.56
CA ASN A 240 -3.60 -2.19 20.73
C ASN A 240 -3.04 -2.53 19.31
N VAL A 241 -2.31 -1.57 18.72
CA VAL A 241 -1.63 -1.83 17.48
C VAL A 241 -0.60 -3.00 17.64
N ILE A 242 0.19 -2.97 18.70
CA ILE A 242 1.20 -4.07 18.89
C ILE A 242 0.48 -5.43 19.01
N GLU A 243 -0.67 -5.49 19.74
CA GLU A 243 -1.42 -6.77 19.80
C GLU A 243 -1.95 -7.21 18.42
N LEU A 244 -2.37 -6.25 17.59
CA LEU A 244 -2.76 -6.55 16.18
C LEU A 244 -1.55 -7.13 15.40
N ILE A 245 -0.40 -6.42 15.47
CA ILE A 245 0.72 -6.87 14.65
C ILE A 245 1.10 -8.30 15.07
N ARG A 246 1.12 -8.54 16.41
CA ARG A 246 1.48 -9.94 16.87
C ARG A 246 0.69 -11.01 16.12
N VAL A 247 -0.60 -10.79 15.78
CA VAL A 247 -1.43 -11.76 15.06
C VAL A 247 -0.94 -11.96 13.63
N LEU A 248 -0.54 -10.85 12.99
CA LEU A 248 0.06 -10.92 11.67
C LEU A 248 1.37 -11.68 11.65
N VAL A 249 2.19 -11.46 12.67
CA VAL A 249 3.51 -12.13 12.68
C VAL A 249 3.28 -13.64 12.92
N GLU A 250 2.32 -14.00 13.77
CA GLU A 250 2.12 -15.45 14.13
C GLU A 250 1.46 -16.18 12.95
N PHE A 251 0.53 -15.54 12.24
CA PHE A 251 -0.31 -16.28 11.28
C PHE A 251 -0.05 -15.88 9.82
N GLY A 252 0.78 -14.84 9.58
CA GLY A 252 1.09 -14.43 8.19
C GLY A 252 0.35 -13.13 7.92
N GLY A 253 1.05 -12.16 7.34
CA GLY A 253 0.45 -10.80 7.21
C GLY A 253 -0.73 -10.83 6.19
N VAL A 254 -0.53 -11.36 4.98
CA VAL A 254 -1.63 -11.32 3.98
C VAL A 254 -2.73 -12.27 4.50
N ALA A 255 -2.34 -13.45 4.95
CA ALA A 255 -3.40 -14.43 5.33
C ALA A 255 -4.28 -13.94 6.50
N ALA A 256 -3.63 -13.54 7.59
CA ALA A 256 -4.37 -13.05 8.78
C ALA A 256 -5.12 -11.73 8.48
N GLY A 257 -4.50 -10.85 7.68
CA GLY A 257 -5.14 -9.56 7.34
C GLY A 257 -6.41 -9.85 6.52
N LYS A 258 -6.33 -10.84 5.64
CA LYS A 258 -7.57 -11.25 4.86
C LYS A 258 -8.65 -11.72 5.81
N ILE A 259 -8.30 -12.61 6.76
CA ILE A 259 -9.29 -13.10 7.75
C ILE A 259 -9.83 -12.00 8.60
N ALA A 260 -8.97 -11.03 8.99
CA ALA A 260 -9.47 -9.88 9.75
C ALA A 260 -10.58 -9.07 9.05
N MET A 261 -10.65 -9.16 7.72
CA MET A 261 -11.76 -8.49 7.05
C MET A 261 -13.14 -9.08 7.45
N GLU A 262 -13.16 -10.29 8.03
CA GLU A 262 -14.45 -10.86 8.56
C GLU A 262 -15.00 -9.95 9.62
N LEU A 263 -14.13 -9.15 10.30
CA LEU A 263 -14.57 -8.18 11.39
C LEU A 263 -15.40 -7.04 10.79
N HIS A 264 -15.47 -6.98 9.44
CA HIS A 264 -16.25 -5.95 8.77
C HIS A 264 -17.19 -6.61 7.74
N ASP A 265 -17.50 -7.86 8.03
CA ASP A 265 -18.46 -8.62 7.19
C ASP A 265 -17.94 -8.87 5.75
N ILE A 266 -16.63 -9.03 5.56
CA ILE A 266 -16.06 -9.19 4.20
C ILE A 266 -15.35 -10.53 4.18
N ASN A 267 -15.65 -11.27 3.15
CA ASN A 267 -15.03 -12.60 2.90
C ASN A 267 -13.90 -12.47 1.82
N ALA A 268 -12.68 -12.22 2.28
CA ALA A 268 -11.55 -12.04 1.37
C ALA A 268 -10.86 -13.34 0.96
N GLY A 269 -11.21 -14.47 1.58
CA GLY A 269 -10.79 -15.81 1.10
C GLY A 269 -9.33 -16.07 1.56
N ASP A 270 -8.67 -17.00 0.85
CA ASP A 270 -7.31 -17.36 1.26
C ASP A 270 -6.37 -16.55 0.32
N PRO A 271 -5.07 -16.52 0.64
CA PRO A 271 -4.09 -15.97 -0.33
C PRO A 271 -3.90 -17.01 -1.46
N ARG A 272 -3.16 -16.62 -2.49
CA ARG A 272 -2.70 -17.56 -3.46
C ARG A 272 -1.33 -18.09 -3.17
N LEU A 273 -1.10 -19.36 -3.51
CA LEU A 273 0.30 -19.90 -3.58
C LEU A 273 1.22 -18.92 -4.29
N PRO A 274 2.44 -18.71 -3.77
CA PRO A 274 3.15 -19.47 -2.69
C PRO A 274 2.79 -19.16 -1.25
N LEU A 275 1.90 -18.16 -1.02
CA LEU A 275 1.38 -17.96 0.34
C LEU A 275 0.41 -19.12 0.68
N MET A 276 0.48 -19.60 1.91
CA MET A 276 -0.31 -20.77 2.30
C MET A 276 -1.63 -20.29 2.97
N PRO A 277 -2.67 -21.13 2.92
CA PRO A 277 -3.93 -20.83 3.59
C PRO A 277 -3.89 -21.20 5.06
N LEU A 278 -4.71 -20.49 5.86
CA LEU A 278 -4.87 -20.86 7.25
C LEU A 278 -5.92 -22.00 7.34
N SER A 279 -5.76 -22.85 8.34
CA SER A 279 -6.75 -23.85 8.66
C SER A 279 -8.01 -23.26 9.24
N ALA A 280 -9.08 -24.06 9.28
CA ALA A 280 -10.34 -23.53 9.85
C ALA A 280 -10.17 -23.12 11.31
N GLU A 281 -9.40 -23.91 12.08
CA GLU A 281 -9.10 -23.54 13.47
C GLU A 281 -8.33 -22.24 13.54
N GLN A 282 -7.33 -22.08 12.66
CA GLN A 282 -6.48 -20.85 12.73
C GLN A 282 -7.33 -19.60 12.37
N LYS A 283 -8.28 -19.74 11.46
CA LYS A 283 -9.06 -18.60 11.12
C LYS A 283 -9.92 -18.14 12.30
N LEU A 284 -10.43 -19.09 13.10
CA LEU A 284 -11.19 -18.73 14.30
C LEU A 284 -10.24 -18.06 15.30
N THR A 285 -9.00 -18.54 15.41
CA THR A 285 -8.04 -17.94 16.32
C THR A 285 -7.67 -16.51 15.93
N VAL A 286 -7.47 -16.28 14.61
CA VAL A 286 -7.12 -14.93 14.14
C VAL A 286 -8.21 -13.94 14.56
N VAL A 287 -9.49 -14.32 14.34
CA VAL A 287 -10.56 -13.37 14.59
C VAL A 287 -10.66 -13.13 16.11
N GLU A 288 -10.47 -14.18 16.93
CA GLU A 288 -10.54 -13.99 18.39
C GLU A 288 -9.42 -13.10 18.92
N LYS A 289 -8.22 -13.30 18.35
CA LYS A 289 -7.11 -12.45 18.83
C LYS A 289 -7.23 -10.99 18.32
N MET A 290 -7.74 -10.80 17.09
CA MET A 290 -7.94 -9.44 16.59
C MET A 290 -9.03 -8.76 17.46
N ARG A 291 -10.07 -9.50 17.84
CA ARG A 291 -11.09 -8.89 18.81
C ARG A 291 -10.45 -8.52 20.16
N ALA A 292 -9.62 -9.41 20.66
CA ALA A 292 -8.99 -9.18 21.96
C ALA A 292 -8.04 -8.01 21.89
N ALA A 293 -7.50 -7.69 20.71
CA ALA A 293 -6.60 -6.54 20.63
C ALA A 293 -7.26 -5.17 20.89
N ASN A 294 -8.58 -5.13 20.80
CA ASN A 294 -9.38 -4.00 21.22
C ASN A 294 -9.14 -2.67 20.40
N PHE A 295 -9.03 -2.78 19.08
CA PHE A 295 -8.86 -1.56 18.27
C PHE A 295 -10.12 -1.25 17.47
N LEU A 296 -11.09 -2.16 17.51
CA LEU A 296 -12.38 -1.97 16.72
C LEU A 296 -13.43 -0.95 17.36
N LYS A 297 -14.17 -0.22 16.53
CA LYS A 297 -15.11 0.82 17.00
C LYS A 297 -16.44 0.29 16.52
N HIS A 298 -17.49 0.40 17.36
CA HIS A 298 -18.82 -0.08 16.80
C HIS A 298 -19.50 1.06 15.99
N HIS A 299 -18.83 1.65 15.01
CA HIS A 299 -19.33 2.78 14.24
C HIS A 299 -18.27 3.10 13.12
N HIS A 300 -18.51 4.15 12.35
CA HIS A 300 -17.76 4.44 11.08
C HIS A 300 -16.86 5.62 11.35
C1 GOL B . -5.31 -22.65 -8.68
O1 GOL B . -4.25 -23.48 -8.16
C2 GOL B . -4.96 -21.17 -8.88
O2 GOL B . -4.43 -20.71 -7.63
C3 GOL B . -6.18 -20.26 -9.10
O3 GOL B . -6.80 -20.10 -10.39
C1 EDO C . 7.38 -6.76 -8.79
O1 EDO C . 8.41 -6.71 -9.78
C2 EDO C . 7.93 -7.34 -7.46
O2 EDO C . 9.37 -7.29 -7.34
C1 EDO D . -2.50 17.73 -7.43
O1 EDO D . -1.99 16.69 -6.54
C2 EDO D . -3.84 17.21 -7.92
O2 EDO D . -4.05 15.84 -7.53
C1 EDO E . 2.39 -3.47 8.33
O1 EDO E . 3.64 -2.70 8.30
C2 EDO E . 2.48 -4.98 8.21
O2 EDO E . 3.56 -5.39 9.07
#